data_8PWA
#
_entry.id   8PWA
#
_cell.length_a   63.890
_cell.length_b   63.890
_cell.length_c   225.180
_cell.angle_alpha   90.000
_cell.angle_beta   90.000
_cell.angle_gamma   120.000
#
_symmetry.space_group_name_H-M   'P 32 2 1'
#
loop_
_entity.id
_entity.type
_entity.pdbx_description
1 polymer 'N6-adenosine-methyltransferase catalytic subunit'
2 polymer 'N6-adenosine-methyltransferase non-catalytic subunit'
3 non-polymer '(2~{S})-4-[[(2~{R},3~{S},4~{R},5~{R})-5-(6-aminopurin-9-yl)-3,4-bis(oxidanyl)oxolan-2-yl]methyl-[3-[[9-[(2~{R},5~{R})-5-(hydroxymethyl)-3,4-bis(oxidanyl)oxolan-2-yl]-7~{H}-purin-6-yl]amino]propyl]amino]-2-azanyl-butanoic acid'
4 non-polymer 'ACETATE ION'
5 non-polymer 'MAGNESIUM ION'
6 water water
#
loop_
_entity_poly.entity_id
_entity_poly.type
_entity_poly.pdbx_seq_one_letter_code
_entity_poly.pdbx_strand_id
1 'polypeptide(L)'
;MALTQSVGGDSSADRLFPPQWICCDIRYLDVSILGKFAVVMADPPWDIHMELPYGTLTDDEMRRLNIPVLQDDGFLFLWV
TGRAMELGRECLNLWGYERVDEIIWVKTNQLQRIIRTGRTGHWLNHGKEHCLVGVKGNPQGFNQGLDCDVIVAEVRSTSH
KPDEIYGMIERLSPGTRKIELFGRPHNVQPNWITLGNQLDGIHLLDPDVVARFKQRYPDGIISKPKNL
;
A
2 'polypeptide(L)'
;GLKGTQSLNPHNDYCQHFVDTGHRPQNFIRDVGLADRFEEYPKLRELIRLKDELIAKSNTPPMYLQADIEAFDIRELTPK
FDVILLEPPLEEYYRETGITANEKCWTWDDIMKLEIDEIAAPRSFIFLWCGSGEGLDLGRVCLRKWGYRRCEDICWIKTN
KNNPGKTKTLDPKAVFQRTKEHCLMGIKGTVKRSTDGDFIHANVDIDLIITEEPEIGNIEKPVEIFHIIEHFCLGRRRLH
LFGRDSTIRPGWLTVGPTLTNSNYNAETYASYFSAPNSYLTGCTEEIERL
;
B
#
# COMPACT_ATOMS: atom_id res chain seq x y z
N LEU A 16 34.15 5.09 5.95
CA LEU A 16 34.53 5.88 4.78
C LEU A 16 33.33 6.52 4.07
N PHE A 17 33.03 7.77 4.42
CA PHE A 17 31.94 8.56 3.81
C PHE A 17 31.74 8.36 2.30
N PRO A 18 32.78 8.35 1.44
CA PRO A 18 32.52 8.31 -0.02
C PRO A 18 31.82 7.04 -0.46
N PRO A 19 31.19 7.06 -1.64
CA PRO A 19 30.45 5.87 -2.12
C PRO A 19 31.35 4.65 -2.17
N GLN A 20 30.80 3.50 -1.82
CA GLN A 20 31.49 2.22 -1.95
C GLN A 20 30.52 1.23 -2.55
N TRP A 21 31.05 0.21 -3.24
CA TRP A 21 30.20 -0.78 -3.86
C TRP A 21 30.94 -2.09 -4.08
N ILE A 22 30.17 -3.15 -4.29
CA ILE A 22 30.69 -4.48 -4.58
C ILE A 22 29.82 -5.09 -5.67
N CYS A 23 30.38 -5.28 -6.86
CA CYS A 23 29.70 -6.08 -7.88
C CYS A 23 29.75 -7.54 -7.48
N CYS A 24 28.59 -8.18 -7.44
CA CYS A 24 28.46 -9.52 -6.88
C CYS A 24 27.06 -10.05 -7.14
N ASP A 25 26.93 -11.36 -7.00
CA ASP A 25 25.65 -12.02 -6.91
C ASP A 25 25.27 -12.05 -5.43
N ILE A 26 24.18 -11.35 -5.09
CA ILE A 26 23.86 -11.16 -3.68
C ILE A 26 23.44 -12.47 -3.04
N ARG A 27 23.10 -13.48 -3.85
CA ARG A 27 22.80 -14.80 -3.28
C ARG A 27 24.03 -15.42 -2.64
N TYR A 28 25.22 -15.12 -3.16
CA TYR A 28 26.44 -15.83 -2.80
C TYR A 28 27.42 -15.02 -1.95
N LEU A 29 27.29 -13.71 -1.89
CA LEU A 29 28.22 -12.93 -1.11
C LEU A 29 28.00 -13.17 0.38
N ASP A 30 29.09 -13.32 1.11
CA ASP A 30 29.12 -13.46 2.56
C ASP A 30 28.99 -12.06 3.16
N VAL A 31 27.75 -11.65 3.46
CA VAL A 31 27.51 -10.26 3.84
C VAL A 31 27.98 -9.99 5.26
N SER A 32 28.43 -11.05 5.96
CA SER A 32 28.94 -10.87 7.31
C SER A 32 30.22 -10.04 7.34
N ILE A 33 30.98 -9.98 6.24
CA ILE A 33 32.21 -9.19 6.20
C ILE A 33 31.95 -7.69 6.23
N LEU A 34 30.70 -7.28 6.01
CA LEU A 34 30.37 -5.87 5.83
C LEU A 34 30.03 -5.14 7.12
N GLY A 35 29.82 -5.84 8.21
CA GLY A 35 29.44 -5.14 9.43
C GLY A 35 27.94 -4.90 9.53
N LYS A 36 27.59 -3.98 10.42
CA LYS A 36 26.22 -3.64 10.78
C LYS A 36 25.89 -2.23 10.31
N PHE A 37 24.62 -2.04 9.97
CA PHE A 37 24.16 -0.82 9.31
C PHE A 37 22.93 -0.27 10.00
N ALA A 38 22.86 1.07 10.07
CA ALA A 38 21.66 1.69 10.64
C ALA A 38 20.47 1.56 9.70
N VAL A 39 20.70 1.46 8.39
CA VAL A 39 19.62 1.38 7.41
C VAL A 39 20.02 0.40 6.31
N VAL A 40 19.09 -0.46 5.96
CA VAL A 40 19.19 -1.34 4.80
C VAL A 40 18.07 -0.93 3.84
N MET A 41 18.40 -0.80 2.56
CA MET A 41 17.39 -0.60 1.54
C MET A 41 17.61 -1.63 0.44
N ALA A 42 16.51 -2.20 -0.05
CA ALA A 42 16.58 -3.20 -1.10
C ALA A 42 15.49 -2.98 -2.14
N ASP A 43 15.83 -3.20 -3.41
CA ASP A 43 14.89 -3.13 -4.53
C ASP A 43 14.99 -4.46 -5.26
N PRO A 44 14.47 -5.54 -4.66
CA PRO A 44 14.77 -6.88 -5.17
C PRO A 44 14.14 -7.11 -6.52
N PRO A 45 14.80 -7.85 -7.41
CA PRO A 45 14.16 -8.26 -8.68
C PRO A 45 13.19 -9.41 -8.44
N TRP A 46 12.06 -9.07 -7.80
CA TRP A 46 11.01 -10.02 -7.50
C TRP A 46 10.61 -10.80 -8.74
N ASP A 47 10.40 -12.10 -8.56
CA ASP A 47 9.93 -12.98 -9.64
C ASP A 47 8.44 -12.82 -9.80
N ILE A 48 8.04 -11.87 -10.63
CA ILE A 48 6.64 -11.64 -10.95
C ILE A 48 6.49 -11.85 -12.45
N HIS A 49 5.25 -12.20 -12.85
CA HIS A 49 4.88 -12.37 -14.26
C HIS A 49 5.77 -13.39 -14.99
N MET A 50 6.59 -12.91 -15.93
CA MET A 50 7.45 -13.77 -16.74
C MET A 50 8.41 -12.90 -17.55
N GLU A 51 9.27 -13.56 -18.34
CA GLU A 51 10.27 -12.91 -19.20
C GLU A 51 11.26 -12.08 -18.40
N LEU A 52 11.00 -10.77 -18.27
CA LEU A 52 11.78 -9.79 -17.52
C LEU A 52 13.12 -9.49 -18.18
N PRO A 53 13.42 -8.20 -18.41
CA PRO A 53 14.70 -7.83 -19.05
C PRO A 53 15.94 -8.08 -18.20
N TYR A 54 15.79 -8.62 -16.99
CA TYR A 54 16.92 -8.80 -16.06
C TYR A 54 16.79 -10.16 -15.40
N GLY A 55 17.78 -10.50 -14.56
CA GLY A 55 17.69 -11.72 -13.79
C GLY A 55 16.88 -11.51 -12.51
N THR A 56 16.07 -12.50 -12.16
CA THR A 56 15.23 -12.45 -10.98
C THR A 56 15.69 -13.46 -9.94
N LEU A 57 15.14 -13.31 -8.73
CA LEU A 57 15.36 -14.22 -7.62
C LEU A 57 14.03 -14.91 -7.30
N THR A 58 14.09 -16.22 -7.11
CA THR A 58 12.90 -16.95 -6.71
C THR A 58 12.50 -16.57 -5.30
N ASP A 59 11.23 -16.84 -4.98
CA ASP A 59 10.73 -16.55 -3.65
C ASP A 59 11.60 -17.17 -2.56
N ASP A 60 12.08 -18.40 -2.79
CA ASP A 60 12.89 -19.04 -1.76
C ASP A 60 14.27 -18.39 -1.67
N GLU A 61 14.81 -17.98 -2.81
CA GLU A 61 16.07 -17.23 -2.82
C GLU A 61 15.93 -15.92 -2.05
N MET A 62 14.82 -15.22 -2.23
CA MET A 62 14.58 -14.02 -1.45
C MET A 62 14.48 -14.34 0.04
N ARG A 63 13.72 -15.39 0.40
CA ARG A 63 13.61 -15.73 1.81
C ARG A 63 14.98 -16.08 2.41
N ARG A 64 15.85 -16.71 1.63
CA ARG A 64 17.12 -17.16 2.18
C ARG A 64 18.17 -16.05 2.28
N LEU A 65 17.94 -14.87 1.69
CA LEU A 65 18.92 -13.78 1.78
C LEU A 65 19.33 -13.54 3.23
N ASN A 66 20.62 -13.36 3.46
CA ASN A 66 21.07 -13.26 4.84
C ASN A 66 20.94 -11.83 5.36
N ILE A 67 19.74 -11.25 5.19
CA ILE A 67 19.45 -9.92 5.77
C ILE A 67 19.66 -9.86 7.27
N PRO A 68 19.30 -10.87 8.07
CA PRO A 68 19.40 -10.72 9.52
C PRO A 68 20.76 -10.36 10.05
N VAL A 69 21.86 -10.72 9.37
CA VAL A 69 23.17 -10.37 9.88
C VAL A 69 23.51 -8.90 9.71
N LEU A 70 22.75 -8.15 8.90
CA LEU A 70 23.15 -6.81 8.51
C LEU A 70 22.84 -5.74 9.55
N GLN A 71 21.91 -5.99 10.47
CA GLN A 71 21.56 -4.99 11.47
C GLN A 71 21.30 -5.63 12.82
N ASP A 72 21.56 -4.86 13.86
CA ASP A 72 21.10 -5.09 15.22
C ASP A 72 19.90 -4.23 15.56
N ASP A 73 19.98 -2.94 15.27
CA ASP A 73 18.91 -2.00 15.56
C ASP A 73 18.87 -1.00 14.41
N GLY A 74 17.80 -1.04 13.64
CA GLY A 74 17.71 -0.13 12.52
C GLY A 74 16.49 -0.40 11.66
N PHE A 75 16.51 0.25 10.51
CA PHE A 75 15.36 0.29 9.62
C PHE A 75 15.71 -0.36 8.30
N LEU A 76 14.72 -1.04 7.73
CA LEU A 76 14.81 -1.66 6.42
C LEU A 76 13.78 -0.98 5.50
N PHE A 77 14.21 -0.62 4.29
CA PHE A 77 13.33 -0.03 3.28
C PHE A 77 13.27 -1.00 2.11
N LEU A 78 12.07 -1.52 1.82
CA LEU A 78 11.93 -2.64 0.90
C LEU A 78 10.92 -2.29 -0.19
N TRP A 79 11.42 -2.07 -1.42
CA TRP A 79 10.53 -1.75 -2.52
C TRP A 79 9.77 -2.99 -2.95
N VAL A 80 8.46 -2.83 -3.19
CA VAL A 80 7.58 -3.93 -3.55
C VAL A 80 6.62 -3.47 -4.63
N THR A 81 6.09 -4.44 -5.36
CA THR A 81 5.07 -4.17 -6.36
C THR A 81 4.34 -5.48 -6.61
N GLY A 82 3.11 -5.37 -7.09
CA GLY A 82 2.37 -6.57 -7.44
C GLY A 82 2.25 -7.51 -6.26
N ARG A 83 2.46 -8.80 -6.52
CA ARG A 83 2.32 -9.80 -5.48
C ARG A 83 3.48 -9.75 -4.48
N ALA A 84 4.56 -9.05 -4.81
CA ALA A 84 5.59 -8.78 -3.82
C ALA A 84 5.11 -7.87 -2.72
N MET A 85 3.94 -7.23 -2.86
CA MET A 85 3.41 -6.50 -1.71
C MET A 85 3.17 -7.45 -0.56
N GLU A 86 2.78 -8.69 -0.87
CA GLU A 86 2.57 -9.73 0.12
C GLU A 86 3.86 -10.52 0.40
N LEU A 87 4.57 -10.94 -0.65
CA LEU A 87 5.82 -11.66 -0.44
C LEU A 87 6.83 -10.80 0.30
N GLY A 88 6.92 -9.51 -0.06
CA GLY A 88 7.85 -8.62 0.62
C GLY A 88 7.54 -8.47 2.09
N ARG A 89 6.25 -8.52 2.46
CA ARG A 89 5.90 -8.52 3.88
C ARG A 89 6.35 -9.80 4.56
N GLU A 90 6.21 -10.93 3.86
CA GLU A 90 6.66 -12.21 4.39
C GLU A 90 8.15 -12.17 4.68
N CYS A 91 8.94 -11.81 3.68
CA CYS A 91 10.38 -11.71 3.86
C CYS A 91 10.72 -10.75 4.99
N LEU A 92 10.11 -9.57 4.97
CA LEU A 92 10.36 -8.59 6.01
C LEU A 92 10.19 -9.21 7.39
N ASN A 93 9.07 -9.91 7.61
CA ASN A 93 8.85 -10.54 8.92
C ASN A 93 9.82 -11.69 9.16
N LEU A 94 10.03 -12.53 8.14
CA LEU A 94 10.93 -13.67 8.29
C LEU A 94 12.32 -13.21 8.68
N TRP A 95 12.84 -12.19 7.99
CA TRP A 95 14.13 -11.61 8.34
C TRP A 95 14.17 -10.96 9.71
N GLY A 96 13.05 -10.88 10.42
CA GLY A 96 13.04 -10.34 11.77
C GLY A 96 12.63 -8.88 11.92
N TYR A 97 11.94 -8.31 10.95
CA TYR A 97 11.49 -6.93 11.06
C TYR A 97 10.01 -6.87 11.32
N GLU A 98 9.57 -5.76 11.91
CA GLU A 98 8.16 -5.36 11.97
C GLU A 98 7.93 -4.18 11.01
N ARG A 99 6.93 -4.30 10.15
CA ARG A 99 6.63 -3.21 9.23
C ARG A 99 5.93 -2.10 10.00
N VAL A 100 6.56 -0.92 10.07
CA VAL A 100 6.02 0.20 10.83
C VAL A 100 5.63 1.39 9.96
N ASP A 101 5.83 1.32 8.65
CA ASP A 101 5.47 2.43 7.78
C ASP A 101 5.49 1.91 6.35
N GLU A 102 4.95 2.71 5.44
CA GLU A 102 4.89 2.31 4.04
C GLU A 102 4.97 3.58 3.20
N ILE A 103 6.04 3.74 2.45
CA ILE A 103 6.24 4.93 1.63
C ILE A 103 5.63 4.70 0.27
N ILE A 104 5.00 5.74 -0.25
CA ILE A 104 4.38 5.76 -1.56
C ILE A 104 5.12 6.77 -2.41
N TRP A 105 5.65 6.31 -3.53
CA TRP A 105 6.27 7.19 -4.51
C TRP A 105 5.23 7.43 -5.59
N VAL A 106 4.74 8.67 -5.66
CA VAL A 106 3.83 9.05 -6.73
C VAL A 106 4.67 9.42 -7.94
N LYS A 107 4.45 8.72 -9.04
CA LYS A 107 5.29 8.82 -10.23
C LYS A 107 4.72 9.89 -11.15
N THR A 108 5.54 10.90 -11.46
CA THR A 108 5.11 12.03 -12.29
C THR A 108 6.02 12.19 -13.50
N ASN A 109 5.55 13.01 -14.45
CA ASN A 109 6.38 13.48 -15.56
C ASN A 109 7.04 14.81 -15.17
N GLN A 110 7.67 15.46 -16.13
CA GLN A 110 8.38 16.70 -15.84
C GLN A 110 7.44 17.85 -15.51
N LEU A 111 6.12 17.71 -15.73
CA LEU A 111 5.17 18.75 -15.39
C LEU A 111 4.28 18.38 -14.20
N GLN A 112 4.74 17.47 -13.34
CA GLN A 112 4.06 17.13 -12.08
C GLN A 112 2.68 16.52 -12.30
N ARG A 113 2.46 15.91 -13.46
CA ARG A 113 1.29 15.11 -13.74
C ARG A 113 1.61 13.65 -13.50
N ILE A 114 0.68 12.92 -12.87
CA ILE A 114 0.88 11.49 -12.66
C ILE A 114 0.93 10.77 -14.01
N ILE A 115 1.87 9.83 -14.13
CA ILE A 115 1.99 9.06 -15.37
C ILE A 115 0.79 8.12 -15.56
N HIS A 122 -3.94 -4.57 -13.44
CA HIS A 122 -4.96 -5.07 -14.37
C HIS A 122 -6.28 -4.30 -14.28
N TRP A 123 -6.82 -4.14 -13.07
CA TRP A 123 -8.08 -3.41 -12.92
C TRP A 123 -7.88 -1.90 -12.95
N LEU A 124 -6.72 -1.43 -12.50
CA LEU A 124 -6.45 -0.02 -12.34
C LEU A 124 -5.09 0.33 -12.92
N ASN A 125 -4.99 1.51 -13.51
CA ASN A 125 -3.69 2.06 -13.86
C ASN A 125 -2.91 2.34 -12.58
N HIS A 126 -1.59 2.19 -12.65
CA HIS A 126 -0.71 2.33 -11.49
C HIS A 126 -0.02 3.69 -11.52
N GLY A 127 -0.33 4.52 -10.53
CA GLY A 127 0.31 5.81 -10.40
C GLY A 127 1.49 5.86 -9.45
N LYS A 128 1.80 4.75 -8.78
CA LYS A 128 2.69 4.79 -7.63
C LYS A 128 3.44 3.48 -7.48
N GLU A 129 4.49 3.53 -6.66
CA GLU A 129 5.18 2.34 -6.21
C GLU A 129 5.39 2.43 -4.70
N HIS A 130 5.57 1.27 -4.08
CA HIS A 130 5.49 1.13 -2.63
C HIS A 130 6.84 0.74 -2.04
N CYS A 131 7.17 1.33 -0.90
CA CYS A 131 8.37 0.99 -0.17
C CYS A 131 7.98 0.69 1.27
N LEU A 132 8.03 -0.59 1.64
CA LEU A 132 7.75 -0.99 3.02
C LEU A 132 8.89 -0.54 3.92
N VAL A 133 8.54 -0.07 5.12
CA VAL A 133 9.52 0.35 6.13
C VAL A 133 9.41 -0.59 7.33
N GLY A 134 10.48 -1.32 7.60
CA GLY A 134 10.51 -2.25 8.71
C GLY A 134 11.49 -1.78 9.77
N VAL A 135 11.21 -2.13 11.02
CA VAL A 135 12.11 -1.84 12.12
C VAL A 135 12.54 -3.16 12.74
N LYS A 136 13.81 -3.19 13.17
CA LYS A 136 14.41 -4.33 13.88
C LYS A 136 15.06 -3.80 15.15
N GLY A 137 14.93 -4.57 16.24
CA GLY A 137 15.57 -4.15 17.49
C GLY A 137 14.90 -2.92 18.04
N ASN A 138 15.70 -2.04 18.64
CA ASN A 138 15.21 -0.75 19.13
C ASN A 138 16.20 0.33 18.70
N PRO A 139 15.94 0.97 17.57
CA PRO A 139 16.85 2.04 17.13
C PRO A 139 16.66 3.30 17.96
N GLN A 140 17.78 3.91 18.32
CA GLN A 140 17.76 5.13 19.12
C GLN A 140 18.51 6.23 18.38
N GLY A 141 18.03 7.46 18.55
CA GLY A 141 18.72 8.59 17.97
C GLY A 141 18.39 8.85 16.51
N PHE A 142 17.36 8.21 16.00
CA PHE A 142 16.86 8.51 14.67
C PHE A 142 15.85 9.65 14.76
N ASN A 143 15.80 10.46 13.73
CA ASN A 143 14.91 11.63 13.70
C ASN A 143 13.58 11.29 13.06
N GLN A 144 12.79 10.54 13.81
CA GLN A 144 11.52 10.07 13.29
C GLN A 144 10.57 11.25 13.16
N GLY A 145 9.84 11.30 12.04
CA GLY A 145 8.81 12.30 11.84
C GLY A 145 9.22 13.56 11.08
N LEU A 146 10.45 13.63 10.57
CA LEU A 146 10.81 14.81 9.81
C LEU A 146 10.18 14.80 8.43
N ASP A 147 10.09 13.64 7.78
CA ASP A 147 9.52 13.56 6.44
C ASP A 147 8.14 12.92 6.50
N CYS A 148 7.38 13.10 5.41
CA CYS A 148 6.14 12.37 5.33
CA CYS A 148 6.10 12.48 5.12
C CYS A 148 6.31 11.13 4.45
N ASP A 149 5.26 10.30 4.44
CA ASP A 149 5.34 9.00 3.79
C ASP A 149 4.92 9.02 2.34
N VAL A 150 4.97 10.18 1.68
CA VAL A 150 4.65 10.29 0.27
C VAL A 150 5.80 11.00 -0.44
N ILE A 151 6.30 10.39 -1.51
CA ILE A 151 7.29 11.00 -2.39
C ILE A 151 6.60 11.35 -3.70
N VAL A 152 6.81 12.59 -4.15
CA VAL A 152 6.40 13.02 -5.48
C VAL A 152 7.68 13.37 -6.24
N ALA A 153 7.98 12.58 -7.28
CA ALA A 153 9.25 12.70 -7.99
C ALA A 153 9.09 12.14 -9.40
N GLU A 154 9.89 12.66 -10.32
CA GLU A 154 9.80 12.29 -11.72
C GLU A 154 10.33 10.88 -11.96
N VAL A 155 9.61 10.14 -12.79
CA VAL A 155 10.10 8.87 -13.34
C VAL A 155 11.34 9.12 -14.19
N ARG A 156 12.32 8.23 -14.08
CA ARG A 156 13.48 8.28 -14.97
C ARG A 156 13.55 6.95 -15.73
N SER A 157 14.74 6.39 -15.90
CA SER A 157 14.84 5.10 -16.57
C SER A 157 13.97 4.07 -15.86
N THR A 158 13.59 3.03 -16.60
CA THR A 158 12.74 1.99 -16.02
C THR A 158 13.38 1.42 -14.77
N SER A 159 12.58 1.32 -13.70
CA SER A 159 12.94 0.80 -12.38
C SER A 159 13.87 1.71 -11.62
N HIS A 160 14.27 2.86 -12.16
CA HIS A 160 15.14 3.75 -11.39
C HIS A 160 14.33 4.40 -10.26
N LYS A 161 14.73 4.14 -9.02
CA LYS A 161 14.00 4.67 -7.87
C LYS A 161 14.43 6.12 -7.59
N PRO A 162 13.54 6.92 -6.98
CA PRO A 162 13.84 8.35 -6.82
C PRO A 162 14.99 8.61 -5.85
N ASP A 163 15.77 9.64 -6.14
CA ASP A 163 16.88 9.95 -5.23
C ASP A 163 16.39 10.59 -3.94
N GLU A 164 15.15 11.08 -3.92
CA GLU A 164 14.58 11.65 -2.71
C GLU A 164 14.69 10.69 -1.53
N ILE A 165 14.63 9.37 -1.78
CA ILE A 165 14.68 8.40 -0.69
C ILE A 165 15.99 8.51 0.08
N TYR A 166 17.10 8.83 -0.60
CA TYR A 166 18.38 8.99 0.09
C TYR A 166 18.38 10.17 1.04
N GLY A 167 17.71 11.27 0.66
CA GLY A 167 17.63 12.42 1.55
C GLY A 167 16.73 12.17 2.75
N MET A 168 15.59 11.51 2.51
CA MET A 168 14.73 11.06 3.61
C MET A 168 15.51 10.20 4.59
N ILE A 169 16.27 9.24 4.06
CA ILE A 169 17.00 8.32 4.93
C ILE A 169 18.14 9.03 5.64
N GLU A 170 18.78 10.00 4.99
CA GLU A 170 19.86 10.74 5.65
C GLU A 170 19.33 11.62 6.77
N ARG A 171 18.22 12.32 6.54
CA ARG A 171 17.65 13.11 7.62
C ARG A 171 17.20 12.22 8.77
N LEU A 172 16.68 11.03 8.45
CA LEU A 172 16.25 10.11 9.50
C LEU A 172 17.42 9.64 10.34
N SER A 173 18.57 9.40 9.71
CA SER A 173 19.71 8.78 10.38
C SER A 173 20.99 9.39 9.80
N PRO A 174 21.32 10.62 10.20
CA PRO A 174 22.47 11.31 9.59
C PRO A 174 23.79 10.69 10.03
N GLY A 175 24.71 10.57 9.06
CA GLY A 175 26.07 10.14 9.32
C GLY A 175 26.28 8.65 9.47
N THR A 176 25.24 7.85 9.64
CA THR A 176 25.38 6.42 9.90
C THR A 176 25.69 5.65 8.62
N ARG A 177 26.18 4.41 8.79
CA ARG A 177 26.43 3.53 7.65
C ARG A 177 25.15 2.91 7.14
N LYS A 178 25.05 2.79 5.81
CA LYS A 178 23.87 2.28 5.15
C LYS A 178 24.29 1.33 4.04
N ILE A 179 23.42 0.37 3.73
CA ILE A 179 23.72 -0.57 2.67
C ILE A 179 22.50 -0.69 1.77
N GLU A 180 22.74 -0.67 0.46
CA GLU A 180 21.71 -0.87 -0.54
C GLU A 180 21.96 -2.19 -1.25
N LEU A 181 20.90 -3.00 -1.36
CA LEU A 181 20.93 -4.25 -2.10
C LEU A 181 20.25 -4.10 -3.45
N PHE A 182 20.86 -4.70 -4.47
CA PHE A 182 20.38 -4.65 -5.86
C PHE A 182 20.46 -3.23 -6.41
N GLY A 183 21.44 -2.45 -5.96
CA GLY A 183 21.66 -1.15 -6.55
C GLY A 183 22.39 -1.23 -7.87
N ARG A 184 22.12 -0.26 -8.74
CA ARG A 184 22.84 -0.05 -9.99
C ARG A 184 23.83 1.09 -9.82
N PRO A 185 24.73 1.31 -10.79
CA PRO A 185 25.75 2.36 -10.60
C PRO A 185 25.19 3.73 -10.24
N HIS A 186 24.06 4.12 -10.82
CA HIS A 186 23.51 5.41 -10.44
C HIS A 186 22.99 5.45 -9.00
N ASN A 187 22.99 4.32 -8.28
CA ASN A 187 22.48 4.25 -6.91
C ASN A 187 23.56 4.52 -5.87
N VAL A 188 24.85 4.52 -6.23
CA VAL A 188 25.88 4.66 -5.21
C VAL A 188 25.80 6.08 -4.63
N GLN A 189 25.97 6.19 -3.31
CA GLN A 189 25.80 7.44 -2.60
C GLN A 189 26.83 7.49 -1.47
N PRO A 190 27.19 8.69 -1.00
CA PRO A 190 28.01 8.78 0.21
C PRO A 190 27.31 8.10 1.38
N ASN A 191 28.11 7.53 2.28
CA ASN A 191 27.68 6.78 3.46
C ASN A 191 27.02 5.45 3.13
N TRP A 192 26.88 5.09 1.86
CA TRP A 192 26.24 3.84 1.47
C TRP A 192 27.27 2.88 0.90
N ILE A 193 27.11 1.60 1.21
CA ILE A 193 27.72 0.51 0.46
C ILE A 193 26.64 -0.09 -0.44
N THR A 194 26.90 -0.15 -1.73
CA THR A 194 25.94 -0.65 -2.72
C THR A 194 26.34 -2.05 -3.18
N LEU A 195 25.40 -3.00 -3.16
CA LEU A 195 25.63 -4.31 -3.75
C LEU A 195 24.69 -4.53 -4.93
N GLY A 196 25.21 -5.11 -6.00
CA GLY A 196 24.43 -5.37 -7.20
C GLY A 196 25.32 -6.01 -8.25
N ASN A 197 24.68 -6.67 -9.22
CA ASN A 197 25.43 -7.41 -10.22
C ASN A 197 25.66 -6.61 -11.49
N GLN A 198 25.18 -5.37 -11.56
CA GLN A 198 25.50 -4.46 -12.66
C GLN A 198 26.43 -3.33 -12.21
N LEU A 199 27.09 -3.49 -11.07
CA LEU A 199 28.09 -2.51 -10.67
C LEU A 199 29.40 -2.85 -11.37
N ASP A 200 30.35 -1.93 -11.29
CA ASP A 200 31.62 -2.09 -11.97
C ASP A 200 32.69 -2.43 -10.94
N GLY A 201 33.02 -3.72 -10.82
CA GLY A 201 34.06 -4.15 -9.91
C GLY A 201 33.73 -3.98 -8.43
N ILE A 202 34.79 -3.91 -7.63
CA ILE A 202 34.70 -3.67 -6.20
C ILE A 202 35.36 -2.33 -5.90
N HIS A 203 34.67 -1.47 -5.14
CA HIS A 203 35.23 -0.21 -4.68
C HIS A 203 34.95 -0.04 -3.19
N LEU A 204 35.97 -0.31 -2.36
CA LEU A 204 35.87 -0.35 -0.91
C LEU A 204 36.94 0.55 -0.31
N LEU A 205 36.55 1.32 0.71
CA LEU A 205 37.45 2.32 1.29
C LEU A 205 37.50 2.22 2.81
N ASP A 206 36.40 1.76 3.40
CA ASP A 206 36.35 1.54 4.85
C ASP A 206 37.40 0.50 5.22
N PRO A 207 38.42 0.87 6.00
CA PRO A 207 39.51 -0.10 6.28
C PRO A 207 39.02 -1.39 6.95
N ASP A 208 38.10 -1.30 7.92
CA ASP A 208 37.56 -2.51 8.55
C ASP A 208 36.93 -3.44 7.52
N VAL A 209 36.16 -2.88 6.58
CA VAL A 209 35.56 -3.69 5.52
C VAL A 209 36.64 -4.27 4.62
N VAL A 210 37.61 -3.45 4.24
CA VAL A 210 38.69 -3.91 3.34
C VAL A 210 39.43 -5.09 3.97
N ALA A 211 39.75 -4.99 5.26
CA ALA A 211 40.43 -6.09 5.95
C ALA A 211 39.58 -7.36 5.92
N ARG A 212 38.32 -7.27 6.34
CA ARG A 212 37.49 -8.48 6.35
C ARG A 212 37.24 -9.00 4.95
N PHE A 213 37.16 -8.11 3.95
CA PHE A 213 37.00 -8.59 2.58
C PHE A 213 38.24 -9.37 2.15
N LYS A 214 39.44 -8.84 2.41
CA LYS A 214 40.64 -9.56 1.99
C LYS A 214 40.80 -10.87 2.76
N GLN A 215 40.42 -10.89 4.04
CA GLN A 215 40.51 -12.13 4.81
C GLN A 215 39.55 -13.20 4.28
N ARG A 216 38.35 -12.80 3.87
CA ARG A 216 37.35 -13.76 3.41
C ARG A 216 37.56 -14.11 1.94
N TYR A 217 37.95 -13.14 1.12
CA TYR A 217 38.14 -13.33 -0.31
C TYR A 217 39.57 -12.94 -0.65
N PRO A 218 40.55 -13.77 -0.29
CA PRO A 218 41.96 -13.40 -0.56
C PRO A 218 42.26 -13.23 -2.05
N ASP A 219 41.68 -14.08 -2.89
CA ASP A 219 41.89 -14.00 -4.34
C ASP A 219 40.87 -13.11 -5.02
N GLY A 220 40.11 -12.34 -4.25
CA GLY A 220 39.13 -11.43 -4.83
C GLY A 220 38.07 -12.07 -5.69
N ILE A 221 37.76 -13.35 -5.42
CA ILE A 221 36.83 -14.10 -6.23
C ILE A 221 35.64 -14.48 -5.34
N ILE A 222 34.54 -13.80 -5.55
CA ILE A 222 33.29 -13.97 -4.77
C ILE A 222 32.41 -15.02 -5.49
N SER A 223 32.37 -16.24 -4.97
CA SER A 223 31.57 -17.28 -5.63
C SER A 223 31.19 -18.48 -4.83
N ASN B 12 13.63 19.78 -8.43
CA ASN B 12 13.01 20.16 -7.16
C ASN B 12 12.71 18.93 -6.28
N ASP B 13 13.23 18.96 -5.05
CA ASP B 13 13.04 17.90 -4.07
C ASP B 13 11.90 18.31 -3.14
N TYR B 14 10.71 17.73 -3.39
CA TYR B 14 9.54 18.07 -2.57
C TYR B 14 9.63 17.51 -1.17
N CYS B 15 10.46 16.48 -0.94
CA CYS B 15 10.64 16.00 0.42
C CYS B 15 11.41 17.01 1.27
N GLN B 16 12.55 17.49 0.76
CA GLN B 16 13.25 18.59 1.42
C GLN B 16 12.34 19.79 1.59
N HIS B 17 11.54 20.08 0.57
CA HIS B 17 10.64 21.22 0.66
C HIS B 17 9.61 21.05 1.78
N PHE B 18 9.06 19.84 1.93
CA PHE B 18 8.12 19.62 3.03
C PHE B 18 8.81 19.82 4.37
N VAL B 19 10.05 19.36 4.50
CA VAL B 19 10.79 19.54 5.75
C VAL B 19 10.97 21.02 6.05
N ASP B 20 11.15 21.83 5.00
CA ASP B 20 11.43 23.27 5.17
C ASP B 20 10.17 24.08 5.41
N THR B 21 9.06 23.72 4.77
CA THR B 21 7.87 24.56 4.73
C THR B 21 6.62 23.93 5.34
N GLY B 22 6.57 22.61 5.47
CA GLY B 22 5.36 21.95 5.90
C GLY B 22 4.36 21.64 4.80
N HIS B 23 4.64 22.03 3.56
CA HIS B 23 3.79 21.66 2.44
C HIS B 23 4.11 20.23 2.00
N ARG B 24 3.13 19.33 2.14
CA ARG B 24 3.33 17.95 1.73
C ARG B 24 3.70 17.88 0.25
N PRO B 25 4.57 16.94 -0.14
CA PRO B 25 4.88 16.78 -1.58
C PRO B 25 3.66 16.65 -2.47
N GLN B 26 2.61 15.99 -1.98
CA GLN B 26 1.43 15.82 -2.82
C GLN B 26 0.69 17.13 -3.07
N ASN B 27 0.97 18.19 -2.29
CA ASN B 27 0.39 19.49 -2.57
C ASN B 27 0.72 19.99 -3.98
N PHE B 28 1.75 19.43 -4.62
CA PHE B 28 2.26 19.97 -5.88
C PHE B 28 1.97 19.07 -7.07
N ILE B 29 1.27 17.96 -6.86
CA ILE B 29 0.74 17.23 -8.00
C ILE B 29 -0.28 18.12 -8.72
N ARG B 30 -0.10 18.29 -10.02
CA ARG B 30 -1.07 18.98 -10.86
C ARG B 30 -2.05 17.95 -11.42
N ASP B 31 -3.34 18.26 -11.34
CA ASP B 31 -4.34 17.28 -11.79
C ASP B 31 -4.61 17.40 -13.28
N ILE B 48 -16.74 8.65 -20.54
CA ILE B 48 -16.99 8.31 -19.14
C ILE B 48 -18.38 8.77 -18.74
N ARG B 49 -18.88 9.81 -19.42
CA ARG B 49 -20.17 10.39 -19.04
C ARG B 49 -21.30 9.40 -19.26
N LEU B 50 -21.46 8.90 -20.51
CA LEU B 50 -22.53 7.95 -20.80
C LEU B 50 -22.48 6.74 -19.88
N LYS B 51 -21.27 6.29 -19.55
CA LYS B 51 -21.11 5.18 -18.60
C LYS B 51 -21.74 5.52 -17.24
N ASP B 52 -21.38 6.67 -16.67
CA ASP B 52 -22.01 7.12 -15.43
C ASP B 52 -23.53 7.17 -15.55
N GLU B 53 -24.04 7.43 -16.77
CA GLU B 53 -25.49 7.44 -16.98
C GLU B 53 -26.07 6.03 -16.97
N LEU B 54 -25.36 5.07 -17.56
CA LEU B 54 -25.82 3.68 -17.50
C LEU B 54 -25.79 3.15 -16.08
N ILE B 55 -24.72 3.43 -15.34
CA ILE B 55 -24.69 3.10 -13.92
C ILE B 55 -25.89 3.69 -13.22
N ALA B 56 -26.16 4.98 -13.50
CA ALA B 56 -27.28 5.65 -12.85
C ALA B 56 -28.61 4.98 -13.19
N LYS B 57 -28.75 4.51 -14.43
CA LYS B 57 -29.99 3.86 -14.83
C LYS B 57 -30.15 2.52 -14.10
N SER B 58 -29.13 1.66 -14.14
CA SER B 58 -29.31 0.35 -13.56
C SER B 58 -29.31 0.36 -12.03
N ASN B 59 -29.01 1.49 -11.39
CA ASN B 59 -28.90 1.53 -9.94
C ASN B 59 -30.20 1.15 -9.26
N THR B 60 -30.12 0.22 -8.33
CA THR B 60 -31.23 -0.03 -7.44
C THR B 60 -31.48 1.19 -6.56
N PRO B 61 -32.69 1.35 -6.03
CA PRO B 61 -32.93 2.41 -5.07
C PRO B 61 -32.05 2.20 -3.84
N PRO B 62 -31.69 3.28 -3.15
CA PRO B 62 -30.85 3.11 -1.96
C PRO B 62 -31.60 2.30 -0.91
N MET B 63 -30.89 1.37 -0.28
CA MET B 63 -31.46 0.57 0.79
C MET B 63 -30.48 0.59 1.96
N TYR B 64 -31.01 0.64 3.17
CA TYR B 64 -30.16 0.89 4.31
C TYR B 64 -30.76 0.20 5.53
N LEU B 65 -29.89 -0.15 6.47
CA LEU B 65 -30.34 -0.85 7.67
C LEU B 65 -29.48 -0.42 8.84
N GLN B 66 -30.13 -0.02 9.92
CA GLN B 66 -29.42 0.17 11.17
C GLN B 66 -29.18 -1.21 11.78
N ALA B 67 -27.92 -1.51 12.10
CA ALA B 67 -27.58 -2.79 12.70
C ALA B 67 -26.29 -2.63 13.48
N ASP B 68 -26.26 -3.16 14.70
CA ASP B 68 -25.03 -3.18 15.48
C ASP B 68 -24.24 -4.41 15.04
N ILE B 69 -23.26 -4.20 14.16
CA ILE B 69 -22.63 -5.28 13.41
C ILE B 69 -21.91 -6.27 14.35
N GLU B 70 -21.47 -5.81 15.54
CA GLU B 70 -20.86 -6.75 16.48
C GLU B 70 -21.84 -7.84 16.93
N ALA B 71 -23.13 -7.49 17.08
CA ALA B 71 -24.15 -8.35 17.66
C ALA B 71 -25.09 -8.93 16.62
N PHE B 72 -24.84 -8.66 15.35
CA PHE B 72 -25.80 -8.90 14.28
C PHE B 72 -25.31 -10.08 13.45
N ASP B 73 -26.23 -10.98 13.11
CA ASP B 73 -25.88 -12.14 12.29
C ASP B 73 -25.90 -11.69 10.83
N ILE B 74 -24.73 -11.48 10.24
CA ILE B 74 -24.70 -10.92 8.89
C ILE B 74 -25.30 -11.86 7.85
N ARG B 75 -25.55 -13.12 8.21
CA ARG B 75 -26.21 -14.02 7.28
C ARG B 75 -27.61 -13.53 6.91
N GLU B 76 -28.24 -12.73 7.77
CA GLU B 76 -29.54 -12.15 7.42
C GLU B 76 -29.45 -11.19 6.25
N LEU B 77 -28.24 -10.78 5.85
CA LEU B 77 -28.06 -9.86 4.73
C LEU B 77 -27.96 -10.70 3.48
N THR B 78 -29.05 -10.77 2.72
CA THR B 78 -29.14 -11.55 1.51
C THR B 78 -29.68 -10.67 0.40
N PRO B 79 -29.43 -11.01 -0.88
CA PRO B 79 -28.67 -12.19 -1.35
C PRO B 79 -27.16 -11.99 -1.23
N LYS B 80 -26.34 -12.89 -1.77
CA LYS B 80 -24.89 -12.74 -1.68
C LYS B 80 -24.45 -11.59 -2.57
N PHE B 81 -23.45 -10.83 -2.10
CA PHE B 81 -23.14 -9.54 -2.71
C PHE B 81 -22.04 -9.66 -3.76
N ASP B 82 -22.17 -8.85 -4.81
CA ASP B 82 -21.12 -8.77 -5.82
C ASP B 82 -19.96 -7.92 -5.36
N VAL B 83 -20.22 -6.86 -4.58
CA VAL B 83 -19.19 -5.95 -4.08
C VAL B 83 -19.50 -5.65 -2.63
N ILE B 84 -18.46 -5.64 -1.80
CA ILE B 84 -18.57 -5.26 -0.39
C ILE B 84 -17.55 -4.17 -0.12
N LEU B 85 -18.02 -3.04 0.41
CA LEU B 85 -17.18 -1.94 0.84
C LEU B 85 -17.20 -1.95 2.36
N LEU B 86 -16.03 -2.07 2.97
CA LEU B 86 -15.97 -2.32 4.40
C LEU B 86 -15.16 -1.22 5.05
N GLU B 87 -15.80 -0.44 5.90
CA GLU B 87 -15.25 0.82 6.41
C GLU B 87 -15.29 0.83 7.92
N PRO B 88 -14.66 -0.14 8.58
CA PRO B 88 -14.77 -0.23 10.04
C PRO B 88 -14.16 0.98 10.70
N PRO B 89 -14.77 1.50 11.79
CA PRO B 89 -14.25 2.71 12.44
C PRO B 89 -13.04 2.42 13.32
N LEU B 90 -11.85 2.66 12.80
CA LEU B 90 -10.63 2.30 13.52
C LEU B 90 -10.30 3.36 14.56
N GLU B 91 -9.71 2.91 15.68
CA GLU B 91 -9.25 3.84 16.72
C GLU B 91 -8.40 4.97 16.14
N GLU B 92 -7.53 4.64 15.18
CA GLU B 92 -6.63 5.65 14.63
C GLU B 92 -7.36 6.79 13.91
N TYR B 93 -8.62 6.59 13.50
CA TYR B 93 -9.37 7.67 12.87
C TYR B 93 -9.71 8.79 13.84
N TYR B 94 -9.62 8.54 15.15
CA TYR B 94 -9.98 9.48 16.20
C TYR B 94 -8.71 9.83 16.98
N ARG B 95 -8.19 11.04 16.77
CA ARG B 95 -7.01 11.51 17.49
C ARG B 95 -6.86 13.02 17.39
N LYS B 104 -17.97 3.77 19.29
CA LYS B 104 -17.49 2.39 19.37
C LYS B 104 -16.44 2.14 18.28
N CYS B 105 -15.17 2.10 18.67
CA CYS B 105 -14.10 1.80 17.73
C CYS B 105 -13.97 0.28 17.55
N TRP B 106 -13.55 -0.11 16.35
CA TRP B 106 -13.34 -1.51 16.02
C TRP B 106 -11.85 -1.78 15.89
N THR B 107 -11.37 -2.77 16.64
CA THR B 107 -10.00 -3.24 16.50
C THR B 107 -9.92 -4.24 15.36
N TRP B 108 -8.70 -4.53 14.91
CA TRP B 108 -8.58 -5.56 13.88
C TRP B 108 -8.97 -6.93 14.41
N ASP B 109 -8.92 -7.13 15.73
CA ASP B 109 -9.46 -8.33 16.35
C ASP B 109 -10.94 -8.49 16.03
N ASP B 110 -11.71 -7.42 16.24
CA ASP B 110 -13.13 -7.45 15.92
C ASP B 110 -13.35 -7.67 14.43
N ILE B 111 -12.62 -6.93 13.60
CA ILE B 111 -12.89 -6.96 12.17
C ILE B 111 -12.65 -8.35 11.62
N MET B 112 -11.50 -8.94 11.99
CA MET B 112 -11.12 -10.27 11.52
C MET B 112 -12.16 -11.33 11.84
N LYS B 113 -12.96 -11.14 12.90
CA LYS B 113 -13.97 -12.13 13.26
C LYS B 113 -15.27 -11.97 12.48
N LEU B 114 -15.41 -10.92 11.67
CA LEU B 114 -16.60 -10.79 10.84
C LEU B 114 -16.64 -11.91 9.81
N GLU B 115 -17.83 -12.43 9.54
CA GLU B 115 -17.98 -13.60 8.67
C GLU B 115 -18.28 -13.17 7.24
N ILE B 116 -17.38 -12.36 6.69
CA ILE B 116 -17.61 -11.77 5.37
C ILE B 116 -17.78 -12.85 4.31
N ASP B 117 -17.03 -13.95 4.41
CA ASP B 117 -17.17 -15.02 3.41
C ASP B 117 -18.57 -15.62 3.36
N GLU B 118 -19.37 -15.46 4.41
CA GLU B 118 -20.72 -16.03 4.40
C GLU B 118 -21.70 -15.23 3.54
N ILE B 119 -21.38 -13.98 3.20
CA ILE B 119 -22.30 -13.14 2.43
C ILE B 119 -21.72 -12.72 1.10
N ALA B 120 -20.49 -13.09 0.79
CA ALA B 120 -19.88 -12.75 -0.48
C ALA B 120 -20.27 -13.77 -1.55
N ALA B 121 -20.55 -13.29 -2.77
CA ALA B 121 -20.86 -14.20 -3.85
C ALA B 121 -19.61 -14.98 -4.25
N PRO B 122 -19.78 -16.15 -4.89
CA PRO B 122 -18.58 -16.94 -5.27
C PRO B 122 -17.58 -16.17 -6.09
N ARG B 123 -18.02 -15.42 -7.10
CA ARG B 123 -17.19 -14.39 -7.71
C ARG B 123 -17.66 -13.06 -7.16
N SER B 124 -16.74 -12.29 -6.58
CA SER B 124 -17.09 -11.20 -5.68
C SER B 124 -15.85 -10.35 -5.44
N PHE B 125 -16.07 -9.11 -5.04
CA PHE B 125 -15.01 -8.15 -4.79
C PHE B 125 -15.21 -7.51 -3.42
N ILE B 126 -14.10 -7.14 -2.79
CA ILE B 126 -14.15 -6.40 -1.54
C ILE B 126 -13.25 -5.18 -1.69
N PHE B 127 -13.61 -4.11 -0.97
CA PHE B 127 -12.80 -2.90 -0.84
C PHE B 127 -12.73 -2.59 0.65
N LEU B 128 -11.55 -2.70 1.22
CA LEU B 128 -11.39 -2.61 2.67
C LEU B 128 -10.51 -1.40 2.99
N TRP B 129 -11.10 -0.44 3.71
CA TRP B 129 -10.38 0.71 4.24
C TRP B 129 -9.55 0.24 5.43
N CYS B 130 -8.23 0.32 5.30
CA CYS B 130 -7.27 -0.26 6.25
C CYS B 130 -6.51 0.78 7.06
N GLY B 131 -6.70 2.07 6.77
CA GLY B 131 -6.03 3.14 7.49
C GLY B 131 -4.59 3.28 7.05
N SER B 132 -3.69 3.50 8.01
CA SER B 132 -2.29 3.72 7.64
C SER B 132 -1.30 3.01 8.57
N GLY B 133 -1.78 2.21 9.51
CA GLY B 133 -0.92 1.57 10.48
C GLY B 133 -0.88 0.07 10.30
N GLU B 134 -1.05 -0.64 11.41
CA GLU B 134 -1.12 -2.09 11.41
C GLU B 134 -2.19 -2.65 10.47
N GLY B 135 -3.20 -1.85 10.11
CA GLY B 135 -4.23 -2.33 9.18
C GLY B 135 -3.70 -2.70 7.80
N LEU B 136 -2.57 -2.14 7.40
CA LEU B 136 -2.03 -2.52 6.10
C LEU B 136 -1.58 -3.96 6.10
N ASP B 137 -1.27 -4.51 7.28
CA ASP B 137 -0.92 -5.91 7.43
C ASP B 137 -2.12 -6.75 7.82
N LEU B 138 -2.84 -6.33 8.88
CA LEU B 138 -4.00 -7.07 9.33
C LEU B 138 -5.13 -7.08 8.31
N GLY B 139 -5.28 -5.99 7.52
CA GLY B 139 -6.29 -6.02 6.45
C GLY B 139 -5.98 -7.06 5.38
N ARG B 140 -4.70 -7.28 5.09
CA ARG B 140 -4.37 -8.35 4.15
C ARG B 140 -4.67 -9.72 4.76
N VAL B 141 -4.44 -9.88 6.07
CA VAL B 141 -4.83 -11.13 6.74
C VAL B 141 -6.34 -11.36 6.62
N CYS B 142 -7.14 -10.29 6.83
CA CYS B 142 -8.58 -10.38 6.68
C CYS B 142 -8.96 -10.86 5.29
N LEU B 143 -8.42 -10.20 4.26
CA LEU B 143 -8.76 -10.56 2.89
C LEU B 143 -8.52 -12.04 2.64
N ARG B 144 -7.36 -12.54 3.06
CA ARG B 144 -7.05 -13.95 2.86
C ARG B 144 -7.95 -14.83 3.73
N LYS B 145 -8.25 -14.36 4.95
CA LYS B 145 -9.13 -15.14 5.81
C LYS B 145 -10.51 -15.32 5.16
N TRP B 146 -10.97 -14.33 4.40
CA TRP B 146 -12.31 -14.36 3.81
C TRP B 146 -12.30 -14.92 2.40
N GLY B 147 -11.17 -15.35 1.88
CA GLY B 147 -11.10 -15.99 0.59
C GLY B 147 -10.72 -15.11 -0.58
N TYR B 148 -10.27 -13.89 -0.34
CA TYR B 148 -9.90 -12.97 -1.41
C TYR B 148 -8.40 -12.96 -1.62
N ARG B 149 -7.99 -12.50 -2.80
CA ARG B 149 -6.62 -12.10 -3.04
C ARG B 149 -6.60 -10.64 -3.46
N ARG B 150 -5.63 -9.88 -2.95
CA ARG B 150 -5.56 -8.47 -3.29
C ARG B 150 -5.16 -8.30 -4.75
N CYS B 151 -5.92 -7.49 -5.49
CA CYS B 151 -5.50 -7.14 -6.84
C CYS B 151 -5.10 -5.68 -7.00
N GLU B 152 -5.54 -4.80 -6.11
CA GLU B 152 -5.16 -3.39 -6.15
C GLU B 152 -5.00 -2.86 -4.74
N ASP B 153 -4.12 -1.87 -4.61
CA ASP B 153 -3.90 -1.13 -3.37
C ASP B 153 -4.17 0.33 -3.72
N ILE B 154 -5.35 0.83 -3.36
CA ILE B 154 -5.75 2.19 -3.70
C ILE B 154 -5.34 3.11 -2.55
N CYS B 155 -4.55 4.14 -2.86
N CYS B 155 -4.56 4.13 -2.86
CA CYS B 155 -4.03 5.03 -1.84
CA CYS B 155 -4.04 5.04 -1.85
C CYS B 155 -4.75 6.37 -1.88
C CYS B 155 -4.79 6.36 -1.88
N TRP B 156 -5.36 6.74 -0.74
CA TRP B 156 -5.96 8.06 -0.57
C TRP B 156 -4.89 8.99 -0.03
N ILE B 157 -4.40 9.89 -0.88
CA ILE B 157 -3.31 10.79 -0.54
C ILE B 157 -3.90 12.13 -0.10
N LYS B 158 -3.53 12.59 1.07
CA LYS B 158 -4.18 13.75 1.68
C LYS B 158 -3.25 14.95 1.59
N THR B 159 -3.66 15.97 0.83
CA THR B 159 -2.92 17.23 0.75
C THR B 159 -3.25 18.13 1.94
N ASN B 160 -2.31 19.03 2.26
CA ASN B 160 -2.50 19.98 3.36
C ASN B 160 -2.30 21.42 2.87
N LYS B 161 -2.87 21.74 1.70
CA LYS B 161 -2.71 23.06 1.11
C LYS B 161 -3.30 24.16 1.98
N ASN B 162 -4.22 23.83 2.90
CA ASN B 162 -4.93 24.80 3.72
C ASN B 162 -4.37 24.93 5.14
N ASN B 163 -3.46 24.06 5.56
CA ASN B 163 -2.84 24.16 6.88
C ASN B 163 -1.47 23.51 6.85
N PRO B 164 -0.50 24.11 6.13
CA PRO B 164 0.88 23.62 6.07
C PRO B 164 1.53 23.47 7.44
N THR B 169 2.94 14.18 16.62
CA THR B 169 1.54 13.93 16.24
C THR B 169 1.43 12.55 15.59
N LEU B 170 2.44 11.71 15.81
CA LEU B 170 2.54 10.44 15.14
C LEU B 170 2.38 9.27 16.11
N ASP B 171 1.94 8.17 15.55
CA ASP B 171 1.85 6.90 16.25
C ASP B 171 3.26 6.48 16.67
N PRO B 172 3.44 5.88 17.86
CA PRO B 172 4.81 5.65 18.39
C PRO B 172 5.79 4.92 17.47
N LYS B 173 5.38 3.84 16.79
CA LYS B 173 6.29 3.13 15.90
C LYS B 173 6.54 3.89 14.60
N ALA B 174 5.73 4.92 14.30
CA ALA B 174 5.84 5.60 13.01
C ALA B 174 7.24 6.15 12.81
N VAL B 175 7.76 5.92 11.61
CA VAL B 175 9.04 6.51 11.23
C VAL B 175 8.79 7.85 10.53
N PHE B 176 7.64 8.01 9.87
CA PHE B 176 7.35 9.17 9.06
C PHE B 176 5.99 9.74 9.41
N GLN B 177 5.77 10.99 9.03
CA GLN B 177 4.45 11.57 9.14
C GLN B 177 3.51 10.87 8.16
N ARG B 178 2.36 10.42 8.67
CA ARG B 178 1.45 9.63 7.85
C ARG B 178 0.42 10.55 7.22
N THR B 179 0.41 10.60 5.88
CA THR B 179 -0.40 11.54 5.12
C THR B 179 -1.32 10.84 4.12
N LYS B 180 -1.60 9.57 4.32
CA LYS B 180 -2.39 8.82 3.35
C LYS B 180 -3.09 7.67 4.08
N GLU B 181 -4.11 7.11 3.43
CA GLU B 181 -4.79 5.91 3.89
C GLU B 181 -4.87 4.95 2.71
N HIS B 182 -5.07 3.66 3.00
CA HIS B 182 -5.14 2.62 1.98
C HIS B 182 -6.50 1.94 1.96
N CYS B 183 -7.05 1.76 0.76
CA CYS B 183 -8.22 0.92 0.52
C CYS B 183 -7.77 -0.28 -0.31
N LEU B 184 -7.73 -1.47 0.31
CA LEU B 184 -7.34 -2.69 -0.41
C LEU B 184 -8.50 -3.27 -1.20
N MET B 185 -8.24 -3.58 -2.47
CA MET B 185 -9.22 -4.21 -3.35
C MET B 185 -8.91 -5.70 -3.42
N GLY B 186 -9.91 -6.52 -3.16
CA GLY B 186 -9.74 -7.97 -3.17
C GLY B 186 -10.71 -8.61 -4.15
N ILE B 187 -10.33 -9.78 -4.66
CA ILE B 187 -11.16 -10.51 -5.59
C ILE B 187 -11.24 -11.95 -5.12
N LYS B 188 -12.40 -12.57 -5.32
CA LYS B 188 -12.55 -14.00 -5.08
C LYS B 188 -13.28 -14.63 -6.25
N GLY B 189 -12.91 -15.87 -6.55
CA GLY B 189 -13.39 -16.52 -7.76
C GLY B 189 -12.63 -16.07 -8.98
N THR B 190 -13.12 -16.49 -10.13
CA THR B 190 -12.50 -16.12 -11.39
C THR B 190 -13.07 -14.81 -11.92
N VAL B 204 -9.99 2.74 -16.77
CA VAL B 204 -10.08 4.19 -16.86
C VAL B 204 -9.42 4.88 -15.65
N ASP B 205 -9.49 4.21 -14.50
CA ASP B 205 -9.13 4.82 -13.23
C ASP B 205 -7.70 4.45 -12.79
N ILE B 206 -7.21 5.20 -11.82
CA ILE B 206 -5.87 5.03 -11.27
C ILE B 206 -5.99 4.67 -9.79
N ASP B 207 -4.92 4.08 -9.25
CA ASP B 207 -4.96 3.58 -7.87
C ASP B 207 -4.61 4.67 -6.86
N LEU B 208 -5.00 5.91 -7.15
CA LEU B 208 -4.72 7.06 -6.29
C LEU B 208 -5.94 7.96 -6.22
N ILE B 209 -6.25 8.42 -5.02
CA ILE B 209 -7.25 9.44 -4.77
C ILE B 209 -6.54 10.57 -4.03
N ILE B 210 -6.59 11.78 -4.57
CA ILE B 210 -5.93 12.93 -3.96
C ILE B 210 -7.00 13.94 -3.63
N THR B 211 -7.14 14.23 -2.33
CA THR B 211 -8.04 15.27 -1.85
C THR B 211 -7.37 15.95 -0.66
N GLU B 212 -7.86 17.14 -0.31
CA GLU B 212 -7.33 17.82 0.87
C GLU B 212 -7.72 17.06 2.13
N GLU B 213 -6.82 17.10 3.11
CA GLU B 213 -7.07 16.40 4.36
C GLU B 213 -8.30 16.97 5.04
N PRO B 214 -9.27 16.14 5.44
CA PRO B 214 -10.48 16.66 6.07
C PRO B 214 -10.22 17.22 7.45
N GLU B 215 -11.20 17.97 7.95
CA GLU B 215 -11.11 18.57 9.28
C GLU B 215 -10.96 17.48 10.32
N ILE B 216 -10.32 17.83 11.44
CA ILE B 216 -10.13 16.85 12.50
C ILE B 216 -11.49 16.35 12.98
N GLY B 217 -11.54 15.08 13.39
CA GLY B 217 -12.78 14.44 13.79
C GLY B 217 -13.69 14.01 12.66
N ASN B 218 -13.43 14.45 11.43
CA ASN B 218 -14.22 14.04 10.27
C ASN B 218 -13.59 12.76 9.72
N ILE B 219 -14.34 11.65 9.80
CA ILE B 219 -13.82 10.35 9.42
C ILE B 219 -14.35 9.89 8.07
N GLU B 220 -15.01 10.78 7.32
CA GLU B 220 -15.56 10.38 6.04
C GLU B 220 -14.44 10.04 5.08
N LYS B 221 -14.67 8.99 4.23
CA LYS B 221 -13.71 8.67 3.18
C LYS B 221 -14.14 9.37 1.90
N PRO B 222 -13.20 9.68 1.01
CA PRO B 222 -13.57 10.37 -0.24
C PRO B 222 -14.59 9.58 -1.05
N VAL B 223 -15.64 10.28 -1.49
CA VAL B 223 -16.70 9.70 -2.29
C VAL B 223 -16.16 9.17 -3.61
N GLU B 224 -14.97 9.62 -4.02
CA GLU B 224 -14.33 9.09 -5.23
C GLU B 224 -14.20 7.56 -5.19
N ILE B 225 -14.15 6.95 -4.00
CA ILE B 225 -14.01 5.49 -3.95
C ILE B 225 -15.23 4.84 -4.59
N PHE B 226 -16.42 5.44 -4.41
CA PHE B 226 -17.61 4.85 -5.03
C PHE B 226 -17.55 4.93 -6.53
N HIS B 227 -16.96 6.00 -7.07
CA HIS B 227 -16.84 6.13 -8.51
C HIS B 227 -15.90 5.09 -9.08
N ILE B 228 -14.74 4.89 -8.44
CA ILE B 228 -13.84 3.82 -8.87
C ILE B 228 -14.58 2.47 -8.86
N ILE B 229 -15.24 2.16 -7.75
CA ILE B 229 -15.90 0.86 -7.62
C ILE B 229 -16.96 0.70 -8.71
N GLU B 230 -17.85 1.69 -8.83
CA GLU B 230 -18.95 1.59 -9.78
C GLU B 230 -18.46 1.53 -11.23
N HIS B 231 -17.35 2.21 -11.54
CA HIS B 231 -16.81 2.19 -12.89
C HIS B 231 -16.29 0.81 -13.29
N PHE B 232 -15.95 -0.06 -12.33
CA PHE B 232 -15.51 -1.40 -12.69
C PHE B 232 -16.65 -2.26 -13.24
N CYS B 233 -17.91 -1.86 -13.05
CA CYS B 233 -19.06 -2.64 -13.54
C CYS B 233 -19.02 -4.08 -13.03
N LEU B 234 -18.98 -4.22 -11.71
CA LEU B 234 -18.74 -5.49 -11.06
C LEU B 234 -20.02 -6.27 -10.73
N GLY B 235 -21.20 -5.70 -10.95
CA GLY B 235 -22.41 -6.33 -10.48
C GLY B 235 -23.23 -5.34 -9.68
N ARG B 236 -24.48 -5.66 -9.42
CA ARG B 236 -25.39 -4.67 -8.87
C ARG B 236 -25.71 -4.88 -7.41
N ARG B 237 -25.26 -5.97 -6.80
CA ARG B 237 -25.47 -6.21 -5.37
C ARG B 237 -24.25 -5.63 -4.66
N ARG B 238 -24.40 -4.42 -4.13
CA ARG B 238 -23.30 -3.73 -3.49
C ARG B 238 -23.68 -3.44 -2.05
N LEU B 239 -22.81 -3.82 -1.12
CA LEU B 239 -23.04 -3.67 0.31
C LEU B 239 -21.97 -2.75 0.88
N HIS B 240 -22.38 -1.80 1.73
CA HIS B 240 -21.45 -0.89 2.39
C HIS B 240 -21.61 -1.13 3.88
N LEU B 241 -20.65 -1.82 4.47
CA LEU B 241 -20.69 -2.10 5.90
C LEU B 241 -19.99 -0.97 6.64
N PHE B 242 -20.61 -0.55 7.75
CA PHE B 242 -20.23 0.61 8.53
C PHE B 242 -20.40 1.92 7.75
N GLY B 243 -21.28 1.93 6.76
CA GLY B 243 -21.75 3.18 6.19
C GLY B 243 -22.56 3.96 7.20
N ARG B 244 -22.96 5.18 6.80
CA ARG B 244 -23.64 6.10 7.70
C ARG B 244 -24.79 6.76 6.93
N ASP B 245 -25.64 7.51 7.65
CA ASP B 245 -26.66 8.31 6.96
C ASP B 245 -26.05 9.10 5.80
N SER B 246 -24.90 9.72 6.04
CA SER B 246 -24.23 10.57 5.06
C SER B 246 -23.62 9.82 3.88
N THR B 247 -23.55 8.49 3.90
CA THR B 247 -22.97 7.77 2.78
C THR B 247 -24.01 7.02 1.96
N ILE B 248 -25.27 7.05 2.37
CA ILE B 248 -26.30 6.32 1.65
C ILE B 248 -26.36 6.83 0.22
N ARG B 249 -26.54 5.90 -0.73
CA ARG B 249 -26.24 6.13 -2.13
C ARG B 249 -27.05 5.17 -2.99
N PRO B 250 -27.63 5.63 -4.10
CA PRO B 250 -28.36 4.71 -4.98
C PRO B 250 -27.44 3.61 -5.46
N GLY B 251 -28.00 2.43 -5.69
CA GLY B 251 -27.18 1.29 -6.08
C GLY B 251 -26.48 0.59 -4.93
N TRP B 252 -26.68 1.01 -3.69
CA TRP B 252 -25.97 0.45 -2.55
C TRP B 252 -26.93 0.09 -1.45
N LEU B 253 -26.61 -1.01 -0.77
CA LEU B 253 -27.19 -1.35 0.52
C LEU B 253 -26.20 -0.96 1.60
N THR B 254 -26.61 -0.06 2.49
CA THR B 254 -25.77 0.48 3.53
C THR B 254 -26.18 -0.13 4.86
N VAL B 255 -25.24 -0.74 5.58
CA VAL B 255 -25.53 -1.32 6.90
C VAL B 255 -24.51 -0.81 7.91
N GLY B 256 -25.00 -0.25 9.00
CA GLY B 256 -24.11 0.30 9.99
C GLY B 256 -24.82 0.66 11.27
N PRO B 257 -24.07 0.81 12.36
CA PRO B 257 -24.69 1.04 13.66
C PRO B 257 -25.26 2.44 13.86
N THR B 258 -24.75 3.46 13.17
CA THR B 258 -25.21 4.82 13.42
C THR B 258 -26.35 5.27 12.51
N LEU B 259 -26.84 4.40 11.61
CA LEU B 259 -27.95 4.79 10.75
C LEU B 259 -29.16 5.14 11.61
N THR B 260 -29.87 6.21 11.21
CA THR B 260 -31.01 6.66 12.01
C THR B 260 -32.31 6.06 11.54
N ASN B 261 -32.38 5.59 10.30
CA ASN B 261 -33.57 4.96 9.77
C ASN B 261 -33.14 3.73 9.00
N SER B 262 -34.09 2.82 8.79
CA SER B 262 -33.88 1.66 7.94
C SER B 262 -35.02 1.55 6.95
N ASN B 263 -34.73 0.96 5.79
CA ASN B 263 -35.79 0.55 4.87
C ASN B 263 -35.54 -0.84 4.31
N TYR B 264 -34.54 -1.58 4.80
CA TYR B 264 -34.15 -2.84 4.17
C TYR B 264 -35.21 -3.90 4.36
N ASN B 265 -35.53 -4.60 3.28
CA ASN B 265 -36.34 -5.82 3.34
C ASN B 265 -35.71 -6.83 2.41
N ALA B 266 -35.31 -7.99 2.97
CA ALA B 266 -34.55 -8.97 2.21
C ALA B 266 -35.28 -9.40 0.96
N GLU B 267 -36.60 -9.57 1.05
CA GLU B 267 -37.39 -10.00 -0.10
C GLU B 267 -37.49 -8.89 -1.14
N THR B 268 -37.81 -7.66 -0.71
CA THR B 268 -37.79 -6.51 -1.60
C THR B 268 -36.41 -6.32 -2.24
N TYR B 269 -35.35 -6.40 -1.43
CA TYR B 269 -34.01 -6.24 -1.98
C TYR B 269 -33.73 -7.29 -3.05
N ALA B 270 -34.00 -8.57 -2.74
CA ALA B 270 -33.76 -9.63 -3.71
C ALA B 270 -34.59 -9.44 -4.99
N SER B 271 -35.78 -8.86 -4.87
CA SER B 271 -36.62 -8.65 -6.04
C SER B 271 -35.96 -7.75 -7.08
N TYR B 272 -34.99 -6.91 -6.68
CA TYR B 272 -34.28 -6.09 -7.65
C TYR B 272 -33.39 -6.90 -8.56
N PHE B 273 -32.99 -8.10 -8.15
CA PHE B 273 -32.03 -8.90 -8.90
C PHE B 273 -32.67 -10.19 -9.43
N SER B 274 -33.98 -10.32 -9.30
CA SER B 274 -34.67 -11.46 -9.91
C SER B 274 -34.60 -11.36 -11.43
N ALA B 275 -34.71 -12.53 -12.09
CA ALA B 275 -34.62 -12.60 -13.53
C ALA B 275 -35.66 -11.68 -14.17
N PRO B 276 -35.35 -11.08 -15.33
CA PRO B 276 -34.12 -11.24 -16.12
C PRO B 276 -32.91 -10.38 -15.68
N ASN B 277 -32.82 -9.99 -14.41
CA ASN B 277 -31.81 -9.01 -14.01
C ASN B 277 -30.71 -9.59 -13.12
N SER B 278 -30.58 -10.92 -13.09
CA SER B 278 -29.73 -11.56 -12.08
C SER B 278 -28.24 -11.27 -12.29
N TYR B 279 -27.81 -11.05 -13.52
CA TYR B 279 -26.38 -11.02 -13.85
C TYR B 279 -25.89 -9.69 -14.40
N LEU B 280 -26.74 -8.66 -14.41
CA LEU B 280 -26.34 -7.36 -14.96
C LEU B 280 -25.09 -6.83 -14.27
N THR B 281 -24.23 -6.18 -15.05
CA THR B 281 -23.01 -5.60 -14.53
C THR B 281 -23.23 -4.26 -13.84
N GLY B 282 -24.42 -3.69 -13.95
CA GLY B 282 -24.63 -2.34 -13.48
C GLY B 282 -24.11 -1.28 -14.42
N CYS B 283 -23.61 -1.65 -15.59
CA CYS B 283 -23.16 -0.71 -16.62
C CYS B 283 -23.88 -0.87 -17.95
N THR B 284 -24.93 -1.70 -18.01
CA THR B 284 -25.68 -1.90 -19.24
C THR B 284 -27.07 -1.29 -19.11
N GLU B 285 -27.81 -1.30 -20.22
CA GLU B 285 -29.17 -0.78 -20.24
C GLU B 285 -30.09 -1.63 -19.35
N GLU B 286 -31.20 -1.04 -18.95
CA GLU B 286 -32.24 -1.82 -18.28
C GLU B 286 -32.83 -2.82 -19.28
N ILE B 287 -33.24 -3.98 -18.76
CA ILE B 287 -33.93 -4.96 -19.58
C ILE B 287 -35.40 -4.59 -19.68
N GLU B 288 -35.90 -4.45 -20.91
CA GLU B 288 -37.25 -3.93 -21.12
C GLU B 288 -38.31 -4.90 -20.63
N ARG B 289 -39.34 -4.36 -19.97
CA ARG B 289 -40.51 -5.10 -19.52
C ARG B 289 -41.69 -4.77 -20.43
N LEU B 290 -42.74 -5.60 -20.32
CA LEU B 290 -44.00 -5.43 -21.07
C LEU B 290 -43.89 -5.12 -22.57
#